data_5C6N
#
_entry.id   5C6N
#
_cell.length_a   89.678
_cell.length_b   93.418
_cell.length_c   101.786
_cell.angle_alpha   90.00
_cell.angle_beta   90.00
_cell.angle_gamma   90.00
#
_symmetry.space_group_name_H-M   'P 21 21 21'
#
_entity_poly.entity_id   1
_entity_poly.type   'polypeptide(L)'
_entity_poly.pdbx_seq_one_letter_code
;MEQKQQSERLGTEAIPKLLRSLSIPAMIGMFVMALYNVVNTIFISYAVGIEGVAGVTIAFPIMMIMMSMAGALGIGGASV
ISRRLGERRGEEANQVFGNILTVILVLSVIGFISAFTLLGPALQLFGATSVTQGYATDYLFPILLGSIFFFFAFAANNII
RSEGNATFAMVTMIVPAVLNILLDVLFIFGLNMGVLGASIATVIAQASVTGLVLRYFLTGKSTLSLHWSDLRMKGSVIKE
VCLVGLPAFVQQSSASLMMIAINSMLLRFGSDFYVGVFGLVQRIMMFVMMPMMGIMQAMQPIVGYNYGAKQYSRLRETVM
LGFKVATIFSIGIFALLMLFPEALLRVFTADREVIQAGVSAMHILFCVTFLIGAQIVAGGLYQSLGKPKQALILSLSRQI
IFLIPLVLILPHIFGLSGVWWAFPIADVLSFILTVVLLYRDRNVFFLKTKEERELDLVKTASS
;
_entity_poly.pdbx_strand_id   A
#
# COMPACT_ATOMS: atom_id res chain seq x y z
N GLN A 3 13.39 21.87 -17.61
CA GLN A 3 13.99 21.46 -18.91
C GLN A 3 15.27 20.63 -18.71
N LYS A 4 15.19 19.35 -19.05
CA LYS A 4 16.28 18.40 -18.83
C LYS A 4 16.46 17.52 -20.07
N GLN A 5 16.43 16.19 -19.88
CA GLN A 5 16.38 15.24 -20.99
C GLN A 5 15.48 14.08 -20.59
N GLN A 6 14.31 14.02 -21.22
CA GLN A 6 13.29 13.02 -20.91
C GLN A 6 13.68 11.63 -21.46
N SER A 7 14.38 10.85 -20.63
CA SER A 7 14.87 9.54 -21.05
C SER A 7 13.74 8.54 -21.29
N GLU A 8 13.96 7.71 -22.30
CA GLU A 8 12.94 6.89 -22.93
C GLU A 8 11.65 6.82 -22.13
N ARG A 9 11.59 5.89 -21.19
CA ARG A 9 10.31 5.32 -20.80
C ARG A 9 9.22 5.81 -21.74
N LEU A 10 8.50 6.86 -21.37
CA LEU A 10 7.55 7.46 -22.30
C LEU A 10 7.42 8.98 -22.08
N GLY A 11 6.20 9.45 -21.90
CA GLY A 11 5.90 10.83 -22.18
C GLY A 11 5.08 10.73 -23.46
N THR A 12 5.01 9.51 -24.00
CA THR A 12 4.30 9.16 -25.24
C THR A 12 2.79 9.33 -25.11
N GLU A 13 2.10 9.45 -26.22
CA GLU A 13 0.65 9.41 -26.12
C GLU A 13 0.04 8.20 -26.81
N ALA A 14 0.75 7.07 -26.74
CA ALA A 14 0.21 5.79 -27.21
C ALA A 14 -0.81 5.25 -26.17
N ILE A 15 -1.75 6.11 -25.75
CA ILE A 15 -2.48 5.97 -24.45
C ILE A 15 -3.76 5.12 -24.37
N PRO A 16 -3.64 3.83 -24.63
CA PRO A 16 -4.40 2.91 -23.81
C PRO A 16 -3.43 1.84 -23.38
N LYS A 17 -2.45 1.57 -24.25
CA LYS A 17 -1.41 0.60 -24.02
C LYS A 17 -0.38 1.20 -23.08
N LEU A 18 -0.47 2.51 -22.91
CA LEU A 18 0.13 3.18 -21.79
C LEU A 18 -0.28 2.46 -20.50
N LEU A 19 -1.55 2.58 -20.11
CA LEU A 19 -2.07 1.87 -18.93
C LEU A 19 -1.71 0.41 -19.01
N ARG A 20 -2.18 -0.26 -20.06
CA ARG A 20 -1.79 -1.64 -20.38
C ARG A 20 -0.39 -2.01 -19.91
N SER A 21 0.62 -1.43 -20.55
CA SER A 21 1.98 -1.77 -20.18
C SER A 21 2.57 -0.77 -19.19
N LEU A 22 1.70 -0.15 -18.42
CA LEU A 22 2.07 0.52 -17.18
C LEU A 22 1.48 -0.15 -15.92
N SER A 23 0.30 -0.72 -16.13
CA SER A 23 -0.33 -1.54 -15.15
C SER A 23 0.52 -2.77 -14.97
N ILE A 24 0.55 -3.63 -15.99
CA ILE A 24 0.91 -5.03 -15.77
C ILE A 24 2.11 -5.23 -14.85
N PRO A 25 3.10 -4.35 -14.97
CA PRO A 25 4.24 -4.46 -14.08
C PRO A 25 3.91 -4.46 -12.59
N ALA A 26 2.94 -3.65 -12.20
CA ALA A 26 2.36 -3.72 -10.85
C ALA A 26 1.69 -5.07 -10.70
N MET A 27 0.81 -5.38 -11.65
CA MET A 27 0.14 -6.67 -11.70
C MET A 27 1.05 -7.84 -11.53
N ILE A 28 2.31 -7.67 -11.82
CA ILE A 28 3.13 -8.79 -11.57
C ILE A 28 3.82 -8.57 -10.26
N GLY A 29 4.75 -7.62 -10.20
CA GLY A 29 5.53 -7.36 -8.99
C GLY A 29 4.75 -7.57 -7.71
N MET A 30 3.68 -6.79 -7.58
CA MET A 30 2.79 -6.88 -6.43
C MET A 30 2.42 -8.33 -6.09
N PHE A 31 1.81 -9.00 -7.07
CA PHE A 31 1.37 -10.40 -6.99
C PHE A 31 2.43 -11.35 -6.47
N VAL A 32 3.65 -11.03 -6.80
CA VAL A 32 4.76 -11.84 -6.38
C VAL A 32 5.12 -11.45 -4.97
N MET A 33 5.35 -10.18 -4.67
CA MET A 33 5.56 -9.84 -3.26
C MET A 33 4.38 -10.35 -2.37
N ALA A 34 3.18 -10.37 -2.96
CA ALA A 34 2.08 -11.11 -2.36
C ALA A 34 2.44 -12.59 -2.20
N LEU A 35 2.97 -13.26 -3.23
CA LEU A 35 3.60 -14.57 -3.01
C LEU A 35 4.56 -14.56 -1.86
N TYR A 36 5.66 -13.81 -1.91
CA TYR A 36 6.53 -13.81 -0.75
C TYR A 36 5.73 -13.80 0.54
N ASN A 37 4.90 -12.78 0.75
CA ASN A 37 4.21 -12.72 2.03
C ASN A 37 3.79 -14.10 2.54
N VAL A 38 2.81 -14.67 1.85
CA VAL A 38 2.55 -16.13 1.75
C VAL A 38 3.70 -17.03 2.20
N VAL A 39 4.51 -17.39 1.21
CA VAL A 39 5.51 -18.43 1.33
C VAL A 39 6.49 -18.12 2.47
N ASN A 40 6.47 -16.90 3.00
CA ASN A 40 7.29 -16.59 4.16
C ASN A 40 6.62 -16.98 5.46
N THR A 41 5.54 -16.29 5.78
CA THR A 41 4.71 -16.58 6.96
C THR A 41 4.61 -18.08 7.30
N ILE A 42 4.04 -18.84 6.38
CA ILE A 42 3.83 -20.28 6.53
C ILE A 42 4.99 -21.03 7.21
N PHE A 43 6.21 -20.54 6.96
CA PHE A 43 7.39 -21.00 7.64
C PHE A 43 7.21 -20.75 9.15
N ILE A 44 6.88 -19.51 9.47
CA ILE A 44 6.72 -19.08 10.86
C ILE A 44 5.51 -19.77 11.55
N SER A 45 4.77 -20.58 10.79
CA SER A 45 3.77 -21.56 11.32
C SER A 45 4.42 -22.93 11.55
N TYR A 46 5.77 -22.94 11.54
CA TYR A 46 6.55 -24.15 11.51
C TYR A 46 7.68 -24.18 12.47
N ALA A 47 8.75 -23.42 12.22
CA ALA A 47 9.88 -23.42 13.17
C ALA A 47 9.45 -22.62 14.37
N VAL A 48 8.33 -21.94 14.20
CA VAL A 48 7.53 -21.47 15.29
C VAL A 48 6.13 -21.77 14.83
N GLY A 49 5.18 -21.81 15.76
CA GLY A 49 3.82 -22.19 15.47
C GLY A 49 2.95 -21.01 15.13
N ILE A 50 2.01 -20.67 16.01
CA ILE A 50 1.04 -19.62 15.70
C ILE A 50 1.20 -18.41 16.63
N GLU A 51 1.90 -18.65 17.73
CA GLU A 51 2.38 -17.60 18.64
C GLU A 51 3.04 -16.38 17.97
N GLY A 52 4.07 -16.62 17.16
CA GLY A 52 4.84 -15.55 16.50
C GLY A 52 4.10 -14.99 15.30
N VAL A 53 3.38 -15.87 14.60
CA VAL A 53 2.43 -15.49 13.56
C VAL A 53 1.51 -14.37 14.08
N ALA A 54 1.18 -14.42 15.35
CA ALA A 54 0.54 -13.26 15.92
C ALA A 54 1.57 -12.14 16.13
N GLY A 55 2.73 -12.51 16.70
CA GLY A 55 3.82 -11.57 17.03
C GLY A 55 3.96 -10.54 15.94
N VAL A 56 4.20 -11.07 14.74
CA VAL A 56 3.98 -10.38 13.48
C VAL A 56 2.68 -9.58 13.46
N THR A 57 1.55 -10.29 13.45
CA THR A 57 0.28 -9.64 13.20
C THR A 57 0.04 -8.45 14.13
N ILE A 58 0.60 -8.47 15.33
CA ILE A 58 0.52 -7.32 16.21
C ILE A 58 1.59 -6.31 15.84
N ALA A 59 2.80 -6.81 15.62
CA ALA A 59 3.94 -5.99 15.26
C ALA A 59 3.65 -5.25 13.96
N PHE A 60 2.97 -5.97 13.06
CA PHE A 60 2.52 -5.49 11.75
C PHE A 60 2.23 -3.98 11.72
N PRO A 61 1.08 -3.54 12.29
CA PRO A 61 0.68 -2.14 12.14
C PRO A 61 1.83 -1.16 12.36
N ILE A 62 2.74 -1.48 13.27
CA ILE A 62 3.83 -0.59 13.64
C ILE A 62 4.84 -0.45 12.50
N MET A 63 4.95 -1.48 11.66
CA MET A 63 5.63 -1.33 10.39
C MET A 63 4.95 -0.18 9.62
N MET A 64 3.69 -0.39 9.25
CA MET A 64 2.95 0.56 8.42
C MET A 64 3.04 2.01 8.91
N ILE A 65 3.23 2.17 10.22
CA ILE A 65 3.42 3.49 10.83
C ILE A 65 4.50 4.33 10.13
N MET A 66 5.67 3.73 9.93
CA MET A 66 6.69 4.40 9.14
C MET A 66 6.29 4.42 7.64
N MET A 67 5.95 3.24 7.08
CA MET A 67 5.60 3.06 5.66
C MET A 67 4.51 4.02 5.14
N SER A 68 3.52 4.32 5.97
CA SER A 68 2.59 5.38 5.64
C SER A 68 3.43 6.62 5.46
N MET A 69 4.24 6.97 6.46
CA MET A 69 5.07 8.19 6.46
C MET A 69 5.96 8.34 5.21
N ALA A 70 6.62 7.26 4.82
CA ALA A 70 7.42 7.30 3.60
C ALA A 70 6.57 7.13 2.34
N GLY A 71 5.33 6.66 2.51
CA GLY A 71 4.40 6.48 1.39
C GLY A 71 3.81 7.80 0.90
N ALA A 72 3.49 8.68 1.86
CA ALA A 72 3.13 10.07 1.60
C ALA A 72 4.28 10.64 0.81
N LEU A 73 5.46 10.54 1.41
CA LEU A 73 6.71 10.91 0.79
C LEU A 73 6.81 10.35 -0.64
N GLY A 74 6.80 9.03 -0.78
CA GLY A 74 6.80 8.35 -2.08
C GLY A 74 5.75 8.87 -3.04
N ILE A 75 4.51 9.03 -2.55
CA ILE A 75 3.39 9.53 -3.36
C ILE A 75 3.53 10.95 -3.88
N GLY A 76 3.69 11.91 -2.95
CA GLY A 76 4.03 13.30 -3.32
C GLY A 76 4.87 13.25 -4.58
N GLY A 77 6.14 12.87 -4.42
CA GLY A 77 7.01 12.49 -5.54
C GLY A 77 6.23 12.16 -6.81
N ALA A 78 5.57 11.01 -6.82
CA ALA A 78 4.85 10.51 -8.00
C ALA A 78 3.82 11.42 -8.74
N SER A 79 3.24 12.39 -8.03
CA SER A 79 2.18 13.28 -8.54
C SER A 79 2.71 14.68 -8.74
N VAL A 80 3.83 14.91 -8.06
CA VAL A 80 4.68 16.03 -8.35
C VAL A 80 5.38 15.69 -9.66
N ILE A 81 6.36 14.79 -9.61
CA ILE A 81 7.19 14.47 -10.77
C ILE A 81 6.50 14.24 -12.11
N SER A 82 5.31 13.66 -12.10
CA SER A 82 4.53 13.58 -13.35
C SER A 82 3.81 14.89 -13.73
N ARG A 83 3.09 15.52 -12.78
CA ARG A 83 2.59 16.90 -12.90
C ARG A 83 3.72 17.90 -13.26
N ARG A 84 4.97 17.45 -13.27
CA ARG A 84 6.10 18.28 -13.67
C ARG A 84 7.01 17.50 -14.61
N LEU A 85 6.42 17.08 -15.74
CA LEU A 85 7.08 16.31 -16.81
C LEU A 85 6.12 16.15 -17.99
N GLY A 86 4.90 16.63 -17.76
CA GLY A 86 4.03 17.14 -18.80
C GLY A 86 4.29 18.62 -18.68
N GLU A 87 3.84 19.21 -17.57
CA GLU A 87 4.22 20.56 -17.13
C GLU A 87 5.71 20.49 -16.78
N ARG A 88 6.53 20.62 -17.82
CA ARG A 88 7.86 20.01 -17.92
C ARG A 88 9.05 20.69 -17.20
N ARG A 89 8.79 21.30 -16.04
CA ARG A 89 9.84 21.91 -15.19
C ARG A 89 10.98 20.91 -14.87
N GLY A 90 11.30 20.06 -15.86
CA GLY A 90 12.24 18.92 -15.77
C GLY A 90 13.28 18.87 -14.66
N GLU A 91 13.87 20.02 -14.36
CA GLU A 91 14.90 20.13 -13.33
C GLU A 91 14.30 20.24 -11.93
N GLU A 92 13.09 20.77 -11.82
CA GLU A 92 12.43 20.83 -10.52
C GLU A 92 12.35 19.42 -9.95
N ALA A 93 11.87 18.50 -10.79
CA ALA A 93 11.86 17.08 -10.48
C ALA A 93 13.16 16.60 -9.86
N ASN A 94 14.25 16.81 -10.58
CA ASN A 94 15.57 16.50 -10.07
C ASN A 94 15.72 16.93 -8.63
N GLN A 95 15.46 18.21 -8.37
CA GLN A 95 15.49 18.77 -7.03
C GLN A 95 14.65 17.92 -6.09
N VAL A 96 13.34 17.88 -6.37
CA VAL A 96 12.37 17.10 -5.60
C VAL A 96 12.98 15.78 -5.15
N PHE A 97 13.08 14.84 -6.09
CA PHE A 97 13.73 13.57 -5.87
C PHE A 97 14.60 13.62 -4.63
N GLY A 98 15.74 14.29 -4.79
CA GLY A 98 16.71 14.41 -3.73
C GLY A 98 16.18 15.09 -2.47
N ASN A 99 15.45 16.17 -2.62
CA ASN A 99 14.97 16.90 -1.43
C ASN A 99 13.84 16.13 -0.69
N ILE A 100 13.61 14.92 -1.17
CA ILE A 100 12.77 13.97 -0.48
C ILE A 100 13.66 13.07 0.32
N LEU A 101 14.69 12.60 -0.37
CA LEU A 101 15.76 11.75 0.19
C LEU A 101 16.29 12.33 1.50
N THR A 102 16.29 13.65 1.59
CA THR A 102 16.39 14.34 2.86
C THR A 102 15.47 13.72 3.97
N VAL A 103 14.16 13.89 3.80
CA VAL A 103 13.16 13.62 4.85
C VAL A 103 13.14 12.18 5.21
N ILE A 104 13.29 11.39 4.17
CA ILE A 104 13.57 10.00 4.31
C ILE A 104 14.71 9.83 5.31
N LEU A 105 15.91 10.23 4.91
CA LEU A 105 17.10 10.00 5.73
C LEU A 105 16.99 10.60 7.11
N VAL A 106 16.17 11.63 7.23
CA VAL A 106 15.62 12.07 8.52
C VAL A 106 14.98 10.87 9.31
N LEU A 107 13.95 10.24 8.74
CA LEU A 107 13.21 9.18 9.41
C LEU A 107 13.99 7.88 9.46
N SER A 108 14.74 7.60 8.40
CA SER A 108 15.67 6.47 8.34
C SER A 108 16.64 6.51 9.48
N VAL A 109 16.58 7.61 10.21
CA VAL A 109 17.28 7.73 11.46
C VAL A 109 16.28 7.60 12.62
N ILE A 110 15.17 8.37 12.58
CA ILE A 110 14.15 8.33 13.67
C ILE A 110 13.73 6.90 14.00
N GLY A 111 13.58 6.11 12.94
CA GLY A 111 13.33 4.69 13.03
C GLY A 111 14.45 4.02 13.78
N PHE A 112 15.68 4.19 13.28
CA PHE A 112 16.85 3.69 13.97
C PHE A 112 16.80 4.01 15.46
N ILE A 113 16.51 5.28 15.76
CA ILE A 113 16.28 5.80 17.12
C ILE A 113 15.26 5.00 17.92
N SER A 114 14.01 5.00 17.45
CA SER A 114 12.91 4.33 18.16
C SER A 114 13.09 2.82 18.29
N ALA A 115 13.84 2.21 17.36
CA ALA A 115 14.26 0.81 17.43
C ALA A 115 14.90 0.59 18.78
N PHE A 116 15.90 1.42 19.01
CA PHE A 116 16.59 1.52 20.27
C PHE A 116 15.73 2.17 21.38
N THR A 117 14.51 2.64 21.07
CA THR A 117 13.70 3.42 22.02
C THR A 117 12.29 2.87 22.28
N LEU A 118 11.37 3.30 21.42
CA LEU A 118 9.94 3.23 21.63
C LEU A 118 9.41 1.84 21.31
N LEU A 119 10.33 0.95 20.90
CA LEU A 119 10.00 -0.39 20.39
C LEU A 119 9.06 -1.15 21.31
N GLY A 120 9.60 -1.54 22.45
CA GLY A 120 8.85 -2.21 23.49
C GLY A 120 7.75 -1.32 24.01
N PRO A 121 8.12 -0.13 24.54
CA PRO A 121 7.15 0.82 25.08
C PRO A 121 5.81 0.71 24.38
N ALA A 122 5.84 0.89 23.06
CA ALA A 122 4.65 0.82 22.21
C ALA A 122 4.14 -0.63 22.05
N LEU A 123 5.05 -1.54 21.71
CA LEU A 123 4.68 -2.92 21.48
C LEU A 123 3.82 -3.47 22.63
N GLN A 124 4.42 -3.57 23.82
CA GLN A 124 3.76 -4.14 25.01
C GLN A 124 2.36 -3.58 25.16
N LEU A 125 2.17 -2.37 24.64
CA LEU A 125 0.92 -1.69 24.78
C LEU A 125 -0.23 -2.30 23.97
N PHE A 126 -0.49 -3.59 24.17
CA PHE A 126 -1.89 -4.01 24.11
C PHE A 126 -2.36 -5.40 24.55
N GLY A 127 -2.08 -6.44 23.78
CA GLY A 127 -2.45 -7.79 24.22
C GLY A 127 -1.20 -8.62 24.38
N ALA A 128 -0.30 -8.19 25.26
CA ALA A 128 1.07 -8.72 25.35
C ALA A 128 1.21 -10.15 25.93
N THR A 129 0.78 -11.16 25.16
CA THR A 129 0.95 -12.57 25.52
C THR A 129 2.44 -12.82 25.65
N SER A 130 2.88 -13.16 26.84
CA SER A 130 4.31 -13.32 27.14
C SER A 130 5.09 -14.00 26.01
N VAL A 131 4.45 -14.93 25.30
CA VAL A 131 5.04 -15.61 24.13
C VAL A 131 5.24 -14.70 22.92
N THR A 132 4.12 -14.28 22.33
CA THR A 132 4.11 -13.50 21.09
C THR A 132 4.83 -12.15 21.21
N GLN A 133 4.91 -11.64 22.43
CA GLN A 133 5.65 -10.44 22.80
C GLN A 133 7.09 -10.43 22.26
N GLY A 134 7.90 -11.39 22.71
CA GLY A 134 9.29 -11.50 22.31
C GLY A 134 9.42 -11.55 20.81
N TYR A 135 8.59 -12.40 20.18
CA TYR A 135 8.60 -12.57 18.73
C TYR A 135 8.48 -11.26 17.98
N ALA A 136 7.37 -10.56 18.19
CA ALA A 136 7.14 -9.20 17.67
C ALA A 136 8.34 -8.28 17.90
N THR A 137 8.91 -8.30 19.09
CA THR A 137 10.15 -7.57 19.35
C THR A 137 11.23 -8.08 18.43
N ASP A 138 11.46 -9.40 18.50
CA ASP A 138 12.52 -10.09 17.76
C ASP A 138 12.36 -9.96 16.27
N TYR A 139 11.12 -9.72 15.88
CA TYR A 139 10.72 -9.32 14.55
C TYR A 139 11.01 -7.86 14.31
N LEU A 140 10.40 -7.01 15.12
CA LEU A 140 10.53 -5.57 14.99
C LEU A 140 11.90 -4.97 15.21
N PHE A 141 12.69 -5.50 16.14
CA PHE A 141 14.01 -4.91 16.41
C PHE A 141 14.87 -4.78 15.17
N PRO A 142 15.08 -5.89 14.42
CA PRO A 142 15.79 -5.87 13.13
C PRO A 142 15.25 -4.80 12.15
N ILE A 143 13.97 -4.95 11.81
CA ILE A 143 13.24 -4.02 10.94
C ILE A 143 13.56 -2.54 11.09
N LEU A 144 13.66 -2.07 12.32
CA LEU A 144 13.81 -0.64 12.58
C LEU A 144 15.25 -0.18 12.38
N LEU A 145 16.15 -1.13 12.24
CA LEU A 145 17.54 -0.81 12.33
C LEU A 145 18.22 -0.15 11.11
N GLY A 146 17.90 -0.47 9.84
CA GLY A 146 16.83 -1.38 9.36
C GLY A 146 15.76 -0.62 8.56
N SER A 147 15.27 0.44 9.20
CA SER A 147 14.35 1.44 8.65
C SER A 147 14.79 1.99 7.27
N ILE A 148 16.08 2.32 7.19
CA ILE A 148 16.61 3.10 6.12
C ILE A 148 16.30 2.45 4.78
N PHE A 149 16.90 1.29 4.51
CA PHE A 149 16.68 0.59 3.25
C PHE A 149 15.23 0.48 2.93
N PHE A 150 14.47 0.24 3.99
CA PHE A 150 13.08 0.01 3.86
C PHE A 150 12.37 1.20 3.25
N PHE A 151 12.39 2.31 3.98
CA PHE A 151 11.95 3.59 3.44
C PHE A 151 12.33 3.75 1.97
N PHE A 152 13.60 4.10 1.73
CA PHE A 152 14.16 4.32 0.40
C PHE A 152 13.39 3.50 -0.61
N ALA A 153 13.48 2.18 -0.48
CA ALA A 153 13.06 1.28 -1.53
C ALA A 153 11.61 1.49 -2.01
N PHE A 154 10.76 2.05 -1.14
CA PHE A 154 9.34 2.25 -1.47
C PHE A 154 9.11 3.59 -2.09
N ALA A 155 9.81 4.57 -1.54
CA ALA A 155 9.84 5.86 -2.16
C ALA A 155 10.28 5.61 -3.61
N ALA A 156 11.52 5.14 -3.78
CA ALA A 156 12.13 4.85 -5.09
C ALA A 156 11.20 4.11 -6.04
N ASN A 157 10.71 2.95 -5.58
CA ASN A 157 9.78 2.13 -6.35
C ASN A 157 8.39 2.78 -6.49
N ASN A 158 8.17 3.86 -5.76
CA ASN A 158 7.04 4.66 -6.08
C ASN A 158 7.32 5.74 -7.13
N ILE A 159 8.47 6.43 -7.00
CA ILE A 159 8.77 7.55 -7.92
C ILE A 159 9.14 7.05 -9.27
N ILE A 160 9.67 5.85 -9.34
CA ILE A 160 9.98 5.33 -10.66
C ILE A 160 8.72 5.00 -11.47
N ARG A 161 7.63 4.83 -10.76
CA ARG A 161 6.33 4.73 -11.39
C ARG A 161 5.91 6.14 -11.79
N SER A 162 6.11 7.09 -10.88
CA SER A 162 5.79 8.50 -11.06
C SER A 162 6.35 9.02 -12.35
N GLU A 163 7.59 8.61 -12.64
CA GLU A 163 8.12 8.67 -13.99
C GLU A 163 7.47 7.52 -14.78
N GLY A 164 8.25 6.66 -15.45
CA GLY A 164 7.60 5.65 -16.30
C GLY A 164 7.92 4.18 -16.04
N ASN A 165 8.86 3.94 -15.14
CA ASN A 165 9.48 2.64 -15.10
C ASN A 165 8.81 1.60 -14.22
N ALA A 166 7.57 1.26 -14.55
CA ALA A 166 6.83 0.22 -13.82
C ALA A 166 7.51 -1.14 -14.05
N THR A 167 8.38 -1.13 -15.05
CA THR A 167 9.11 -2.28 -15.51
C THR A 167 10.22 -2.61 -14.55
N PHE A 168 11.16 -1.69 -14.42
CA PHE A 168 12.21 -1.89 -13.47
C PHE A 168 11.56 -1.89 -12.11
N ALA A 169 10.39 -1.23 -11.97
CA ALA A 169 9.56 -1.48 -10.78
C ALA A 169 9.41 -2.97 -10.63
N MET A 170 8.71 -3.63 -11.58
CA MET A 170 8.73 -5.09 -11.63
C MET A 170 9.94 -5.64 -10.88
N VAL A 171 11.09 -5.04 -11.13
CA VAL A 171 12.34 -5.65 -10.74
C VAL A 171 12.88 -5.14 -9.41
N THR A 172 12.51 -3.92 -9.03
CA THR A 172 12.62 -3.52 -7.63
C THR A 172 11.74 -4.44 -6.80
N MET A 173 10.67 -4.91 -7.45
CA MET A 173 9.77 -5.86 -6.84
C MET A 173 10.39 -7.23 -7.03
N ILE A 174 10.09 -7.91 -8.13
CA ILE A 174 10.29 -9.38 -8.21
C ILE A 174 11.41 -9.87 -7.30
N VAL A 175 12.33 -8.97 -7.06
CA VAL A 175 13.60 -9.40 -6.66
C VAL A 175 13.78 -9.58 -5.15
N PRO A 176 13.34 -8.60 -4.32
CA PRO A 176 13.41 -8.87 -2.87
C PRO A 176 12.72 -10.21 -2.58
N ALA A 177 11.45 -10.27 -2.99
CA ALA A 177 10.69 -11.50 -3.10
C ALA A 177 11.64 -12.69 -3.31
N VAL A 178 11.88 -13.06 -4.56
CA VAL A 178 12.59 -14.30 -4.81
C VAL A 178 13.64 -14.51 -3.75
N LEU A 179 14.54 -13.54 -3.62
CA LEU A 179 15.57 -13.53 -2.60
C LEU A 179 15.04 -13.94 -1.24
N ASN A 180 14.11 -13.13 -0.75
CA ASN A 180 13.66 -13.20 0.62
C ASN A 180 13.24 -14.61 0.96
N ILE A 181 12.35 -15.14 0.12
CA ILE A 181 12.07 -16.56 0.09
C ILE A 181 13.33 -17.34 0.51
N LEU A 182 14.30 -17.41 -0.38
CA LEU A 182 15.51 -18.20 -0.18
C LEU A 182 16.35 -17.59 0.89
N LEU A 183 16.08 -16.33 1.19
CA LEU A 183 16.81 -15.71 2.26
C LEU A 183 16.30 -16.17 3.60
N ASP A 184 14.99 -16.42 3.67
CA ASP A 184 14.33 -16.82 4.93
C ASP A 184 14.65 -18.26 5.17
N VAL A 185 14.12 -19.14 4.31
CA VAL A 185 14.57 -20.52 4.20
C VAL A 185 15.94 -20.68 4.84
N LEU A 186 16.82 -19.78 4.45
CA LEU A 186 18.16 -19.70 4.96
C LEU A 186 18.16 -19.74 6.50
N PHE A 187 17.59 -18.72 7.11
CA PHE A 187 17.67 -18.60 8.54
C PHE A 187 16.59 -19.43 9.24
N ILE A 188 15.36 -19.00 8.99
CA ILE A 188 14.18 -19.50 9.66
C ILE A 188 14.29 -21.02 9.84
N PHE A 189 14.22 -21.74 8.71
CA PHE A 189 14.31 -23.19 8.66
C PHE A 189 15.70 -23.80 8.67
N GLY A 190 16.47 -23.57 7.60
CA GLY A 190 17.84 -24.12 7.49
C GLY A 190 18.83 -23.85 8.64
N LEU A 191 18.73 -22.66 9.25
CA LEU A 191 19.37 -22.38 10.53
C LEU A 191 18.35 -22.71 11.59
N ASN A 192 18.06 -21.70 12.42
CA ASN A 192 16.86 -21.72 13.23
C ASN A 192 16.60 -20.33 13.75
N MET A 193 17.00 -19.35 12.94
CA MET A 193 16.81 -17.95 13.27
C MET A 193 15.39 -17.63 12.86
N GLY A 194 14.45 -18.02 13.71
CA GLY A 194 13.02 -18.02 13.41
C GLY A 194 12.50 -16.68 12.91
N VAL A 195 11.69 -15.99 13.72
CA VAL A 195 11.26 -14.61 13.43
C VAL A 195 12.46 -13.66 13.52
N LEU A 196 13.02 -13.62 14.73
CA LEU A 196 14.44 -13.38 15.00
C LEU A 196 15.36 -13.22 13.79
N GLY A 197 15.16 -14.07 12.78
CA GLY A 197 15.92 -14.02 11.56
C GLY A 197 15.17 -14.18 10.23
N ALA A 198 13.85 -14.27 10.20
CA ALA A 198 13.18 -14.12 8.89
C ALA A 198 12.98 -12.63 8.74
N SER A 199 13.12 -11.95 9.88
CA SER A 199 13.19 -10.49 10.02
C SER A 199 14.52 -9.89 9.52
N ILE A 200 15.63 -10.60 9.72
CA ILE A 200 16.90 -10.13 9.14
C ILE A 200 17.01 -10.60 7.70
N ALA A 201 16.33 -11.70 7.39
CA ALA A 201 16.20 -12.15 6.02
C ALA A 201 15.53 -11.09 5.13
N THR A 202 14.61 -10.34 5.73
CA THR A 202 13.87 -9.36 4.97
C THR A 202 14.50 -7.95 5.10
N VAL A 203 15.55 -7.81 5.91
CA VAL A 203 16.39 -6.62 5.79
C VAL A 203 17.43 -6.82 4.71
N ILE A 204 18.12 -7.94 4.77
CA ILE A 204 19.02 -8.31 3.71
C ILE A 204 18.28 -8.27 2.36
N ALA A 205 16.98 -8.51 2.38
CA ALA A 205 16.17 -8.24 1.20
C ALA A 205 16.22 -6.76 0.78
N GLN A 206 15.73 -5.89 1.67
CA GLN A 206 15.52 -4.47 1.38
C GLN A 206 16.78 -3.65 1.31
N ALA A 207 17.88 -4.24 1.77
CA ALA A 207 19.19 -3.76 1.41
C ALA A 207 19.43 -4.06 -0.06
N SER A 208 19.49 -5.34 -0.40
CA SER A 208 19.95 -5.75 -1.71
C SER A 208 19.27 -5.04 -2.87
N VAL A 209 18.01 -4.63 -2.68
CA VAL A 209 17.37 -3.83 -3.72
C VAL A 209 17.99 -2.46 -3.79
N THR A 210 17.97 -1.77 -2.66
CA THR A 210 18.53 -0.43 -2.53
C THR A 210 19.88 -0.25 -3.24
N GLY A 211 20.80 -1.18 -3.00
CA GLY A 211 22.07 -1.29 -3.76
C GLY A 211 21.82 -1.22 -5.25
N LEU A 212 20.78 -1.93 -5.71
CA LEU A 212 20.34 -1.82 -7.09
C LEU A 212 19.65 -0.49 -7.48
N VAL A 213 18.63 -0.05 -6.77
CA VAL A 213 18.02 1.28 -7.02
C VAL A 213 18.99 2.48 -7.13
N LEU A 214 20.12 2.42 -6.45
CA LEU A 214 21.14 3.42 -6.70
C LEU A 214 21.59 3.41 -8.15
N ARG A 215 21.91 2.23 -8.68
CA ARG A 215 22.17 2.10 -10.12
C ARG A 215 21.13 2.86 -10.98
N TYR A 216 19.92 2.30 -11.17
CA TYR A 216 18.82 2.99 -11.86
C TYR A 216 18.46 4.41 -11.36
N PHE A 217 19.39 5.04 -10.64
CA PHE A 217 19.30 6.44 -10.22
C PHE A 217 20.63 7.17 -10.19
N LEU A 218 21.70 6.46 -10.53
CA LEU A 218 23.04 7.05 -10.56
C LEU A 218 23.77 6.47 -11.75
N THR A 219 23.96 5.15 -11.73
CA THR A 219 24.50 4.40 -12.86
C THR A 219 23.61 4.59 -14.08
N GLY A 220 24.18 5.08 -15.17
CA GLY A 220 23.38 5.44 -16.34
C GLY A 220 22.03 5.98 -15.90
N LYS A 221 22.07 7.00 -15.03
CA LYS A 221 20.91 7.62 -14.38
C LYS A 221 19.70 7.47 -15.27
N SER A 222 19.04 6.32 -15.18
CA SER A 222 17.95 6.04 -16.08
C SER A 222 16.83 7.05 -15.93
N THR A 223 15.67 6.62 -16.41
CA THR A 223 14.61 7.53 -16.82
C THR A 223 14.97 9.01 -16.75
N LEU A 224 15.15 9.57 -15.57
CA LEU A 224 15.09 11.01 -15.61
C LEU A 224 16.07 11.84 -14.82
N SER A 225 15.59 13.03 -14.43
CA SER A 225 16.38 14.06 -13.75
C SER A 225 16.68 13.61 -12.35
N LEU A 226 17.95 13.25 -12.18
CA LEU A 226 18.40 12.40 -11.11
C LEU A 226 19.84 12.89 -10.80
N HIS A 227 19.98 13.74 -9.78
CA HIS A 227 21.26 14.38 -9.50
C HIS A 227 21.75 14.01 -8.12
N TRP A 228 23.06 14.04 -7.94
CA TRP A 228 23.71 13.56 -6.73
C TRP A 228 25.10 14.15 -6.46
N SER A 229 25.08 15.23 -5.69
CA SER A 229 26.26 15.76 -5.01
C SER A 229 25.65 16.69 -3.97
N ASP A 230 25.04 17.75 -4.50
CA ASP A 230 24.31 18.73 -3.71
C ASP A 230 22.95 18.90 -4.36
N LEU A 231 22.55 17.97 -5.23
CA LEU A 231 21.29 18.16 -5.95
C LEU A 231 20.19 18.74 -5.07
N ARG A 232 20.02 18.09 -3.93
CA ARG A 232 18.97 18.38 -2.98
C ARG A 232 19.50 19.29 -1.88
N MET A 233 18.60 19.82 -1.07
CA MET A 233 19.02 20.29 0.24
C MET A 233 17.86 19.99 1.18
N LYS A 234 16.84 20.83 1.09
CA LYS A 234 15.74 20.88 2.03
C LYS A 234 14.94 22.06 1.49
N GLY A 235 14.36 21.87 0.31
CA GLY A 235 13.60 22.93 -0.33
C GLY A 235 12.48 23.42 0.57
N SER A 236 11.80 24.47 0.14
CA SER A 236 10.46 24.77 0.66
C SER A 236 9.48 23.97 -0.21
N VAL A 237 10.07 23.04 -0.96
CA VAL A 237 9.38 22.01 -1.71
C VAL A 237 8.88 20.95 -0.76
N ILE A 238 9.65 20.68 0.30
CA ILE A 238 9.23 19.75 1.35
C ILE A 238 7.74 19.96 1.64
N LYS A 239 7.39 21.21 1.95
CA LYS A 239 5.99 21.65 2.12
C LYS A 239 5.07 21.07 1.03
N GLU A 240 5.57 21.03 -0.20
CA GLU A 240 4.77 20.69 -1.38
C GLU A 240 4.47 19.20 -1.56
N VAL A 241 5.16 18.30 -0.86
CA VAL A 241 4.85 16.85 -0.98
C VAL A 241 4.03 16.32 0.21
N CYS A 242 4.40 16.74 1.42
CA CYS A 242 3.51 16.60 2.55
C CYS A 242 2.13 17.11 2.12
N LEU A 243 2.12 18.08 1.20
CA LEU A 243 0.88 18.55 0.62
C LEU A 243 0.14 17.43 -0.10
N VAL A 244 0.84 16.74 -0.98
CA VAL A 244 0.20 15.69 -1.77
C VAL A 244 -0.08 14.52 -0.87
N GLY A 245 0.89 14.31 0.04
CA GLY A 245 0.97 13.09 0.83
C GLY A 245 0.05 13.06 2.02
N LEU A 246 -0.35 14.24 2.50
CA LEU A 246 -1.15 14.28 3.70
C LEU A 246 -2.22 13.22 3.63
N PRO A 247 -3.04 13.21 2.55
CA PRO A 247 -4.09 12.17 2.43
C PRO A 247 -3.52 10.77 2.19
N ALA A 248 -2.38 10.71 1.52
CA ALA A 248 -1.67 9.45 1.40
C ALA A 248 -1.43 8.80 2.80
N PHE A 249 -0.64 9.43 3.68
CA PHE A 249 -0.32 8.76 4.96
C PHE A 249 -1.47 8.67 5.95
N VAL A 250 -2.51 9.44 5.69
CA VAL A 250 -3.81 9.28 6.33
C VAL A 250 -4.40 7.91 6.00
N GLN A 251 -4.57 7.61 4.72
CA GLN A 251 -5.20 6.37 4.26
C GLN A 251 -4.75 5.13 5.01
N GLN A 252 -3.43 5.03 5.19
CA GLN A 252 -2.85 3.96 5.98
C GLN A 252 -3.10 4.26 7.46
N SER A 253 -2.49 5.32 7.98
CA SER A 253 -2.74 5.70 9.38
C SER A 253 -4.21 5.99 9.69
N SER A 254 -5.10 5.66 8.77
CA SER A 254 -6.52 5.52 9.08
C SER A 254 -6.75 4.03 9.27
N ALA A 255 -6.54 3.26 8.21
CA ALA A 255 -6.65 1.81 8.28
C ALA A 255 -5.68 1.17 9.29
N SER A 256 -4.41 1.55 9.22
CA SER A 256 -3.39 0.96 10.10
C SER A 256 -3.69 1.30 11.55
N LEU A 257 -3.95 2.57 11.82
CA LEU A 257 -4.20 3.01 13.19
C LEU A 257 -5.50 2.42 13.74
N MET A 258 -6.35 1.86 12.87
CA MET A 258 -7.55 1.17 13.36
C MET A 258 -7.44 -0.35 13.43
N MET A 259 -6.47 -0.95 12.71
CA MET A 259 -6.34 -2.41 12.76
C MET A 259 -5.28 -2.92 13.73
N ILE A 260 -4.72 -2.02 14.53
CA ILE A 260 -3.99 -2.44 15.71
C ILE A 260 -5.06 -2.86 16.69
N ALA A 261 -6.09 -2.02 16.78
CA ALA A 261 -7.23 -2.23 17.66
C ALA A 261 -7.82 -3.61 17.43
N ILE A 262 -8.42 -3.82 16.27
CA ILE A 262 -9.09 -5.07 15.99
C ILE A 262 -8.17 -6.31 16.10
N ASN A 263 -6.85 -6.14 16.13
CA ASN A 263 -5.94 -7.25 16.49
C ASN A 263 -5.84 -7.49 18.01
N SER A 264 -5.94 -6.42 18.81
CA SER A 264 -5.71 -6.44 20.27
C SER A 264 -6.97 -6.49 21.15
N MET A 265 -8.09 -6.04 20.61
CA MET A 265 -9.41 -6.30 21.21
C MET A 265 -9.71 -7.78 21.00
N LEU A 266 -9.09 -8.37 19.96
CA LEU A 266 -9.13 -9.81 19.70
C LEU A 266 -7.97 -10.60 20.33
N LEU A 267 -7.19 -9.93 21.19
CA LEU A 267 -6.20 -10.58 22.07
C LEU A 267 -6.78 -10.70 23.48
N ARG A 268 -7.91 -10.01 23.68
CA ARG A 268 -8.68 -10.10 24.91
C ARG A 268 -9.68 -11.26 24.82
N PHE A 269 -10.21 -11.52 23.62
CA PHE A 269 -10.98 -12.76 23.38
C PHE A 269 -10.06 -13.91 22.97
N GLY A 270 -9.63 -13.96 21.71
CA GLY A 270 -8.84 -15.09 21.23
C GLY A 270 -7.33 -14.87 21.25
N SER A 271 -6.71 -15.18 22.39
CA SER A 271 -5.28 -14.90 22.63
C SER A 271 -4.30 -15.02 21.41
N ASP A 272 -4.45 -16.06 20.59
CA ASP A 272 -3.62 -16.26 19.38
C ASP A 272 -4.37 -16.93 18.21
N PHE A 273 -5.31 -17.84 18.57
CA PHE A 273 -6.18 -18.56 17.63
C PHE A 273 -6.72 -17.64 16.51
N TYR A 274 -7.18 -16.45 16.93
CA TYR A 274 -7.96 -15.51 16.12
C TYR A 274 -7.17 -14.31 15.54
N VAL A 275 -5.89 -14.20 15.86
CA VAL A 275 -5.05 -13.11 15.37
C VAL A 275 -4.37 -13.55 14.07
N GLY A 276 -3.96 -14.83 14.03
CA GLY A 276 -3.40 -15.43 12.83
C GLY A 276 -4.40 -15.43 11.68
N VAL A 277 -5.69 -15.47 12.02
CA VAL A 277 -6.75 -15.47 11.02
C VAL A 277 -7.16 -14.06 10.59
N PHE A 278 -6.89 -13.08 11.44
CA PHE A 278 -6.86 -11.71 10.98
C PHE A 278 -5.84 -11.68 9.87
N GLY A 279 -4.57 -11.80 10.26
CA GLY A 279 -3.44 -11.90 9.32
C GLY A 279 -3.86 -12.55 8.03
N LEU A 280 -4.45 -13.73 8.12
CA LEU A 280 -5.00 -14.45 6.97
C LEU A 280 -6.03 -13.69 6.09
N VAL A 281 -7.12 -13.18 6.68
CA VAL A 281 -8.21 -12.49 5.93
C VAL A 281 -7.75 -11.26 5.10
N GLN A 282 -6.60 -10.71 5.49
CA GLN A 282 -6.06 -9.47 4.94
C GLN A 282 -5.57 -9.65 3.52
N ARG A 283 -4.54 -10.47 3.39
CA ARG A 283 -3.83 -10.65 2.15
C ARG A 283 -4.66 -11.52 1.17
N ILE A 284 -5.96 -11.64 1.43
CA ILE A 284 -6.91 -12.09 0.40
C ILE A 284 -7.79 -10.91 0.02
N MET A 285 -8.08 -10.04 0.98
CA MET A 285 -8.46 -8.68 0.61
C MET A 285 -7.29 -8.21 -0.27
N MET A 286 -6.14 -7.90 0.34
CA MET A 286 -4.99 -7.36 -0.40
C MET A 286 -4.59 -8.13 -1.66
N PHE A 287 -4.36 -9.43 -1.53
CA PHE A 287 -3.95 -10.19 -2.69
C PHE A 287 -4.92 -9.92 -3.81
N VAL A 288 -6.21 -10.10 -3.58
CA VAL A 288 -7.12 -9.90 -4.68
C VAL A 288 -7.74 -8.51 -4.62
N MET A 289 -7.06 -7.63 -3.92
CA MET A 289 -7.12 -6.22 -4.26
C MET A 289 -6.33 -5.97 -5.53
N MET A 290 -5.02 -6.17 -5.41
CA MET A 290 -4.01 -6.02 -6.48
C MET A 290 -4.55 -5.73 -7.89
N PRO A 291 -5.29 -6.69 -8.52
CA PRO A 291 -6.09 -6.38 -9.71
C PRO A 291 -6.60 -4.94 -9.84
N MET A 292 -7.19 -4.39 -8.79
CA MET A 292 -7.50 -2.98 -8.79
C MET A 292 -6.25 -2.15 -8.60
N MET A 293 -5.75 -2.14 -7.37
CA MET A 293 -4.53 -1.43 -7.02
C MET A 293 -3.59 -1.14 -8.23
N GLY A 294 -3.18 -2.21 -8.93
CA GLY A 294 -2.29 -2.10 -10.10
C GLY A 294 -2.75 -1.16 -11.21
N ILE A 295 -4.03 -1.19 -11.51
CA ILE A 295 -4.53 -0.36 -12.57
C ILE A 295 -4.24 1.08 -12.19
N MET A 296 -4.62 1.48 -10.98
CA MET A 296 -4.39 2.85 -10.48
C MET A 296 -2.95 3.44 -10.70
N GLN A 297 -1.94 2.63 -10.40
CA GLN A 297 -0.54 3.03 -10.51
C GLN A 297 -0.08 3.24 -11.96
N ALA A 298 -0.75 2.54 -12.87
CA ALA A 298 -0.69 2.88 -14.29
C ALA A 298 -0.95 4.41 -14.47
N MET A 299 -2.10 4.87 -13.99
CA MET A 299 -2.52 6.24 -14.23
C MET A 299 -1.81 7.28 -13.40
N GLN A 300 -1.60 6.94 -12.12
CA GLN A 300 -0.58 7.55 -11.27
C GLN A 300 0.34 8.56 -12.03
N PRO A 301 1.10 8.05 -13.03
CA PRO A 301 1.99 8.92 -13.76
C PRO A 301 1.42 9.26 -15.16
N ILE A 302 0.57 8.39 -15.67
CA ILE A 302 -0.01 8.59 -16.97
C ILE A 302 -0.87 9.82 -16.94
N VAL A 303 -1.91 9.71 -16.13
CA VAL A 303 -2.69 10.86 -15.79
C VAL A 303 -1.80 11.84 -15.01
N GLY A 304 -0.49 11.59 -14.99
CA GLY A 304 0.46 12.57 -14.42
C GLY A 304 1.14 13.63 -15.30
N TYR A 305 1.82 13.17 -16.37
CA TYR A 305 2.46 14.04 -17.33
C TYR A 305 1.44 14.41 -18.40
N ASN A 306 0.27 13.79 -18.33
CA ASN A 306 -0.78 14.30 -19.15
C ASN A 306 -1.57 15.48 -18.61
N TYR A 307 -1.94 15.46 -17.34
CA TYR A 307 -1.92 16.73 -16.68
C TYR A 307 -0.41 16.95 -16.53
N GLY A 308 -0.04 18.19 -16.26
CA GLY A 308 1.19 18.70 -16.81
C GLY A 308 0.65 19.17 -18.13
N ALA A 309 0.83 20.46 -18.42
CA ALA A 309 0.05 21.14 -19.48
C ALA A 309 -0.16 20.41 -20.83
N LYS A 310 0.08 19.09 -20.89
CA LYS A 310 0.01 18.32 -22.12
C LYS A 310 -1.41 17.93 -22.52
N GLN A 311 -1.51 16.92 -23.39
CA GLN A 311 -2.76 16.48 -24.03
C GLN A 311 -3.88 16.16 -23.03
N TYR A 312 -4.52 17.21 -22.55
CA TYR A 312 -5.72 17.11 -21.74
C TYR A 312 -6.69 16.13 -22.38
N SER A 313 -6.95 16.36 -23.65
CA SER A 313 -7.64 15.42 -24.54
C SER A 313 -7.55 13.95 -24.15
N ARG A 314 -6.31 13.43 -24.24
CA ARG A 314 -5.98 12.00 -24.12
C ARG A 314 -5.90 11.45 -22.66
N LEU A 315 -5.75 12.33 -21.66
CA LEU A 315 -5.81 11.92 -20.25
C LEU A 315 -7.24 11.61 -19.79
N ARG A 316 -8.22 12.36 -20.26
CA ARG A 316 -9.56 11.98 -19.95
C ARG A 316 -9.72 10.58 -20.49
N GLU A 317 -9.25 10.36 -21.72
CA GLU A 317 -9.12 9.03 -22.32
C GLU A 317 -8.60 8.04 -21.28
N THR A 318 -7.50 8.39 -20.62
CA THR A 318 -7.03 7.61 -19.48
C THR A 318 -8.19 7.44 -18.48
N VAL A 319 -8.63 8.55 -17.87
CA VAL A 319 -9.64 8.50 -16.79
C VAL A 319 -10.90 7.75 -17.18
N MET A 320 -11.55 8.08 -18.30
CA MET A 320 -12.63 7.20 -18.73
C MET A 320 -12.18 5.75 -18.87
N LEU A 321 -11.09 5.47 -19.58
CA LEU A 321 -10.64 4.09 -19.62
C LEU A 321 -10.34 3.56 -18.22
N GLY A 322 -9.38 4.18 -17.53
CA GLY A 322 -9.19 3.95 -16.08
C GLY A 322 -10.44 3.39 -15.42
N PHE A 323 -11.40 4.28 -15.11
CA PHE A 323 -12.76 3.86 -14.75
C PHE A 323 -13.18 2.61 -15.54
N LYS A 324 -13.80 2.77 -16.72
CA LYS A 324 -14.10 1.63 -17.62
C LYS A 324 -13.45 0.23 -17.29
N VAL A 325 -12.12 0.15 -17.11
CA VAL A 325 -11.49 -1.14 -16.74
C VAL A 325 -11.96 -1.60 -15.36
N ALA A 326 -11.35 -0.98 -14.34
CA ALA A 326 -11.67 -1.10 -12.91
C ALA A 326 -13.00 -1.75 -12.65
N THR A 327 -14.08 -1.01 -12.92
CA THR A 327 -15.41 -1.57 -13.01
C THR A 327 -15.48 -3.06 -13.35
N ILE A 328 -15.05 -3.46 -14.55
CA ILE A 328 -15.10 -4.90 -14.92
C ILE A 328 -14.33 -5.84 -13.93
N PHE A 329 -13.35 -5.30 -13.22
CA PHE A 329 -12.71 -6.03 -12.16
C PHE A 329 -13.46 -5.87 -10.87
N SER A 330 -14.06 -4.71 -10.65
CA SER A 330 -14.95 -4.54 -9.52
C SER A 330 -16.00 -5.67 -9.54
N ILE A 331 -16.88 -5.66 -10.52
CA ILE A 331 -17.77 -6.78 -10.71
C ILE A 331 -17.09 -8.16 -10.87
N GLY A 332 -15.86 -8.22 -11.36
CA GLY A 332 -15.21 -9.52 -11.50
C GLY A 332 -14.87 -10.14 -10.15
N ILE A 333 -14.04 -9.43 -9.40
CA ILE A 333 -13.73 -9.81 -8.06
C ILE A 333 -15.06 -10.10 -7.38
N PHE A 334 -15.90 -9.07 -7.24
CA PHE A 334 -17.19 -9.18 -6.53
C PHE A 334 -17.96 -10.49 -6.71
N ALA A 335 -18.17 -10.89 -7.97
CA ALA A 335 -18.78 -12.16 -8.31
C ALA A 335 -17.89 -13.25 -7.72
N LEU A 336 -16.67 -13.37 -8.21
CA LEU A 336 -15.76 -14.37 -7.68
C LEU A 336 -15.60 -14.30 -6.16
N LEU A 337 -15.75 -13.13 -5.59
CA LEU A 337 -15.74 -13.01 -4.15
C LEU A 337 -17.08 -13.46 -3.47
N MET A 338 -18.12 -13.73 -4.25
CA MET A 338 -19.37 -14.26 -3.65
C MET A 338 -19.97 -15.48 -4.32
N LEU A 339 -19.15 -16.22 -5.05
CA LEU A 339 -19.51 -17.56 -5.57
C LEU A 339 -18.49 -18.56 -5.06
N PHE A 340 -17.34 -18.04 -4.66
CA PHE A 340 -16.31 -18.84 -4.05
C PHE A 340 -16.07 -18.41 -2.61
N PRO A 341 -17.11 -17.87 -1.92
CA PRO A 341 -16.78 -17.59 -0.52
C PRO A 341 -16.78 -18.92 0.25
N GLU A 342 -17.31 -19.94 -0.41
CA GLU A 342 -17.29 -21.32 0.04
C GLU A 342 -15.83 -21.80 0.05
N ALA A 343 -15.27 -22.05 -1.13
CA ALA A 343 -13.91 -22.62 -1.29
C ALA A 343 -12.73 -21.80 -0.73
N LEU A 344 -13.01 -20.55 -0.37
CA LEU A 344 -12.04 -19.71 0.31
C LEU A 344 -12.23 -19.82 1.82
N LEU A 345 -13.41 -20.28 2.21
CA LEU A 345 -13.61 -20.69 3.57
C LEU A 345 -13.30 -22.19 3.68
N ARG A 346 -12.74 -22.76 2.61
CA ARG A 346 -12.20 -24.14 2.62
C ARG A 346 -10.71 -24.16 2.91
N VAL A 347 -10.21 -23.01 3.38
CA VAL A 347 -8.91 -22.93 4.05
C VAL A 347 -9.19 -22.73 5.53
N PHE A 348 -10.38 -22.17 5.81
CA PHE A 348 -10.86 -21.87 7.15
C PHE A 348 -11.53 -23.10 7.79
N THR A 349 -11.42 -24.24 7.12
CA THR A 349 -12.13 -25.47 7.51
C THR A 349 -12.10 -25.67 9.03
N ALA A 350 -13.28 -25.60 9.64
CA ALA A 350 -13.46 -25.90 11.06
C ALA A 350 -14.85 -26.48 11.23
N ASP A 351 -15.70 -25.78 11.98
CA ASP A 351 -17.07 -26.24 12.22
C ASP A 351 -17.96 -25.98 11.01
N ARG A 352 -19.13 -26.63 10.98
CA ARG A 352 -20.17 -26.36 9.98
C ARG A 352 -20.94 -25.10 10.38
N GLU A 353 -20.47 -24.45 11.45
CA GLU A 353 -20.89 -23.10 11.82
C GLU A 353 -19.87 -22.07 11.33
N VAL A 354 -18.63 -22.51 11.12
CA VAL A 354 -17.57 -21.65 10.58
C VAL A 354 -17.88 -21.23 9.13
N ILE A 355 -18.34 -22.19 8.32
CA ILE A 355 -18.81 -21.91 6.96
C ILE A 355 -20.27 -21.43 6.96
N GLN A 356 -20.64 -20.68 7.99
CA GLN A 356 -22.00 -20.13 8.12
C GLN A 356 -21.99 -18.61 8.32
N ALA A 357 -22.04 -18.15 9.58
CA ALA A 357 -21.91 -16.71 9.88
C ALA A 357 -20.46 -16.27 9.64
N GLY A 358 -19.59 -17.26 9.49
CA GLY A 358 -18.24 -17.05 9.00
C GLY A 358 -18.31 -16.58 7.55
N VAL A 359 -19.13 -17.26 6.77
CA VAL A 359 -19.33 -16.88 5.36
C VAL A 359 -20.54 -15.93 5.17
N SER A 360 -21.34 -15.74 6.21
CA SER A 360 -22.48 -14.83 6.15
C SER A 360 -21.97 -13.40 6.10
N ALA A 361 -20.98 -13.08 6.96
CA ALA A 361 -20.26 -11.82 6.88
C ALA A 361 -19.67 -11.72 5.45
N MET A 362 -18.91 -12.74 5.04
CA MET A 362 -18.25 -12.78 3.73
C MET A 362 -19.22 -12.78 2.53
N HIS A 363 -20.41 -13.34 2.74
CA HIS A 363 -21.53 -13.13 1.83
C HIS A 363 -21.73 -11.60 1.91
N ILE A 364 -22.98 -11.15 2.00
CA ILE A 364 -23.36 -9.76 1.68
C ILE A 364 -22.56 -8.64 2.44
N LEU A 365 -21.50 -9.01 3.18
CA LEU A 365 -20.51 -8.00 3.63
C LEU A 365 -19.94 -7.23 2.42
N PHE A 366 -19.88 -7.95 1.30
CA PHE A 366 -19.17 -7.48 0.13
C PHE A 366 -20.06 -7.27 -1.09
N CYS A 367 -21.37 -7.36 -0.93
CA CYS A 367 -22.24 -6.78 -1.91
C CYS A 367 -21.94 -5.27 -1.81
N VAL A 368 -20.77 -4.86 -2.32
CA VAL A 368 -20.28 -3.47 -2.28
C VAL A 368 -19.21 -3.40 -3.36
N THR A 369 -18.25 -4.32 -3.20
CA THR A 369 -17.13 -4.58 -4.11
C THR A 369 -17.23 -3.90 -5.46
N PHE A 370 -18.16 -4.38 -6.30
CA PHE A 370 -18.30 -3.93 -7.69
C PHE A 370 -18.34 -2.41 -7.74
N LEU A 371 -18.87 -1.78 -6.70
CA LEU A 371 -18.82 -0.33 -6.58
C LEU A 371 -17.48 0.21 -6.14
N ILE A 372 -16.63 -0.63 -5.57
CA ILE A 372 -15.39 -0.10 -5.01
C ILE A 372 -14.45 0.37 -6.09
N GLY A 373 -14.52 -0.26 -7.26
CA GLY A 373 -13.71 0.15 -8.41
C GLY A 373 -13.37 1.65 -8.48
N ALA A 374 -14.35 2.43 -8.91
CA ALA A 374 -14.32 3.90 -8.88
C ALA A 374 -13.77 4.46 -7.58
N GLN A 375 -14.50 4.12 -6.52
CA GLN A 375 -14.24 4.56 -5.17
C GLN A 375 -12.75 4.74 -4.84
N ILE A 376 -11.89 4.11 -5.64
CA ILE A 376 -10.46 4.13 -5.35
C ILE A 376 -9.69 4.72 -6.54
N VAL A 377 -10.26 4.56 -7.74
CA VAL A 377 -9.69 5.14 -8.97
C VAL A 377 -9.59 6.62 -8.72
N ALA A 378 -10.75 7.21 -8.46
CA ALA A 378 -10.90 8.55 -7.93
C ALA A 378 -9.76 9.06 -7.03
N GLY A 379 -9.34 8.24 -6.08
CA GLY A 379 -8.29 8.62 -5.14
C GLY A 379 -6.89 8.88 -5.68
N GLY A 380 -6.46 8.10 -6.70
CA GLY A 380 -5.18 8.35 -7.44
C GLY A 380 -5.32 9.50 -8.44
N LEU A 381 -6.55 9.77 -8.83
CA LEU A 381 -6.84 10.83 -9.74
C LEU A 381 -7.34 12.01 -8.97
N TYR A 382 -7.05 12.08 -7.69
CA TYR A 382 -6.98 13.38 -7.05
C TYR A 382 -5.58 13.42 -6.62
N GLN A 383 -4.88 12.34 -6.91
CA GLN A 383 -3.55 12.32 -6.41
C GLN A 383 -2.55 12.48 -7.54
N SER A 384 -2.66 11.68 -8.60
CA SER A 384 -1.77 11.85 -9.77
C SER A 384 -1.75 13.33 -10.17
N LEU A 385 -2.66 14.10 -9.58
CA LEU A 385 -2.82 15.52 -9.85
C LEU A 385 -2.85 16.27 -8.55
N GLY A 386 -1.67 16.62 -8.03
CA GLY A 386 -1.54 17.19 -6.71
C GLY A 386 -2.62 18.18 -6.29
N LYS A 387 -3.83 17.68 -6.00
CA LYS A 387 -4.89 18.44 -5.30
C LYS A 387 -5.69 17.51 -4.36
N PRO A 388 -4.96 16.94 -3.38
CA PRO A 388 -5.51 15.87 -2.59
C PRO A 388 -6.33 16.46 -1.45
N LYS A 389 -6.69 17.73 -1.58
CA LYS A 389 -7.49 18.41 -0.58
C LYS A 389 -8.87 17.80 -0.62
N GLN A 390 -9.32 17.48 -1.82
CA GLN A 390 -10.54 16.71 -1.93
C GLN A 390 -10.32 15.25 -1.57
N ALA A 391 -9.10 14.77 -1.81
CA ALA A 391 -8.76 13.37 -1.53
C ALA A 391 -8.60 13.20 -0.04
N LEU A 392 -7.97 14.20 0.55
CA LEU A 392 -7.99 14.39 1.96
C LEU A 392 -9.42 14.18 2.43
N ILE A 393 -10.32 15.05 1.96
CA ILE A 393 -11.75 14.91 2.22
C ILE A 393 -12.19 13.44 2.12
N LEU A 394 -11.91 12.86 0.97
CA LEU A 394 -12.39 11.54 0.62
C LEU A 394 -12.13 10.45 1.66
N SER A 395 -10.89 10.02 1.79
CA SER A 395 -10.54 8.92 2.71
C SER A 395 -11.23 8.99 4.08
N LEU A 396 -11.35 10.19 4.62
CA LEU A 396 -11.86 10.39 5.96
C LEU A 396 -13.30 9.95 6.11
N SER A 397 -14.05 10.01 5.02
CA SER A 397 -15.31 9.28 4.89
C SER A 397 -15.12 7.76 5.02
N ARG A 398 -14.50 7.17 3.98
CA ARG A 398 -14.37 5.71 3.83
C ARG A 398 -13.72 5.09 5.05
N GLN A 399 -12.59 5.66 5.45
CA GLN A 399 -11.81 5.01 6.46
C GLN A 399 -12.33 5.31 7.84
N ILE A 400 -12.59 6.57 8.14
CA ILE A 400 -13.04 6.86 9.49
C ILE A 400 -14.46 7.43 9.59
N ILE A 401 -14.60 8.76 9.57
CA ILE A 401 -15.85 9.50 9.88
C ILE A 401 -17.15 8.97 9.30
N PHE A 402 -17.08 7.85 8.59
CA PHE A 402 -18.28 7.11 8.24
C PHE A 402 -18.23 5.63 8.57
N LEU A 403 -17.03 5.06 8.56
CA LEU A 403 -16.88 3.66 8.96
C LEU A 403 -17.02 3.50 10.47
N ILE A 404 -16.15 4.16 11.24
CA ILE A 404 -16.22 4.05 12.69
C ILE A 404 -17.60 4.47 13.20
N PRO A 405 -18.04 5.70 12.86
CA PRO A 405 -19.40 6.08 13.21
C PRO A 405 -20.43 5.21 12.49
N LEU A 406 -20.12 3.93 12.32
CA LEU A 406 -21.11 2.95 11.92
C LEU A 406 -20.99 1.64 12.72
N VAL A 407 -19.75 1.16 12.92
CA VAL A 407 -19.53 0.03 13.83
C VAL A 407 -20.07 0.43 15.18
N LEU A 408 -19.51 1.47 15.75
CA LEU A 408 -20.01 2.04 16.99
C LEU A 408 -21.54 2.13 17.09
N ILE A 409 -22.21 2.53 16.02
CA ILE A 409 -23.67 2.65 16.04
C ILE A 409 -24.41 1.34 15.72
N LEU A 410 -23.66 0.27 15.53
CA LEU A 410 -24.28 -1.05 15.55
C LEU A 410 -23.90 -1.88 16.80
N PRO A 411 -22.60 -1.97 17.12
CA PRO A 411 -22.09 -2.33 18.45
C PRO A 411 -22.55 -1.60 19.73
N HIS A 412 -23.13 -0.37 19.67
CA HIS A 412 -23.74 0.16 20.91
C HIS A 412 -24.50 -1.14 21.35
N ILE A 413 -25.61 -1.47 20.66
CA ILE A 413 -26.10 -2.88 20.58
C ILE A 413 -26.81 -2.98 19.21
N PHE A 414 -26.31 -3.85 18.32
CA PHE A 414 -27.04 -4.33 17.12
C PHE A 414 -26.55 -5.67 16.66
N GLY A 415 -25.34 -6.01 17.09
CA GLY A 415 -24.89 -7.40 17.09
C GLY A 415 -23.65 -7.72 16.27
N LEU A 416 -23.51 -9.00 15.89
CA LEU A 416 -22.61 -9.41 14.81
C LEU A 416 -23.26 -8.97 13.49
N SER A 417 -24.34 -8.19 13.63
CA SER A 417 -24.89 -7.36 12.56
C SER A 417 -24.08 -6.04 12.47
N GLY A 418 -23.58 -5.57 13.61
CA GLY A 418 -22.69 -4.42 13.66
C GLY A 418 -21.34 -4.61 12.98
N VAL A 419 -20.94 -5.87 12.75
CA VAL A 419 -19.81 -6.16 11.84
C VAL A 419 -20.37 -5.92 10.44
N TRP A 420 -21.46 -6.60 10.11
CA TRP A 420 -21.96 -6.67 8.73
C TRP A 420 -22.43 -5.36 8.07
N TRP A 421 -23.55 -4.79 8.52
CA TRP A 421 -24.05 -3.52 7.95
C TRP A 421 -23.00 -2.40 7.96
N ALA A 422 -22.25 -2.31 9.07
CA ALA A 422 -21.17 -1.33 9.21
C ALA A 422 -20.22 -1.20 7.99
N PHE A 423 -19.87 -2.32 7.37
CA PHE A 423 -19.04 -2.27 6.15
C PHE A 423 -19.91 -2.10 4.92
N PRO A 424 -20.62 -3.17 4.47
CA PRO A 424 -21.41 -2.96 3.27
C PRO A 424 -21.84 -1.50 3.15
N ILE A 425 -22.53 -0.96 4.14
CA ILE A 425 -23.11 0.36 3.94
C ILE A 425 -22.16 1.55 4.07
N ALA A 426 -21.28 1.54 5.06
CA ALA A 426 -20.32 2.63 5.16
C ALA A 426 -19.68 2.85 3.80
N ASP A 427 -19.24 1.75 3.18
CA ASP A 427 -18.57 1.81 1.90
C ASP A 427 -19.43 2.47 0.83
N VAL A 428 -20.72 2.16 0.78
CA VAL A 428 -21.57 2.77 -0.26
C VAL A 428 -21.89 4.26 -0.08
N LEU A 429 -22.08 4.73 1.16
CA LEU A 429 -22.06 6.16 1.37
C LEU A 429 -20.74 6.75 0.81
N SER A 430 -19.61 6.04 0.99
CA SER A 430 -18.31 6.49 0.48
C SER A 430 -18.33 6.57 -1.05
N PHE A 431 -18.81 5.51 -1.72
CA PHE A 431 -19.03 5.54 -3.18
C PHE A 431 -19.98 6.65 -3.61
N ILE A 432 -21.19 6.71 -3.04
CA ILE A 432 -22.15 7.77 -3.44
C ILE A 432 -21.48 9.13 -3.34
N LEU A 433 -20.93 9.44 -2.18
CA LEU A 433 -20.10 10.63 -1.98
C LEU A 433 -19.14 10.92 -3.17
N THR A 434 -18.24 9.98 -3.44
CA THR A 434 -17.28 10.13 -4.54
C THR A 434 -17.99 10.60 -5.81
N VAL A 435 -19.02 9.87 -6.24
CA VAL A 435 -19.80 10.22 -7.42
C VAL A 435 -19.97 11.74 -7.51
N VAL A 436 -20.35 12.38 -6.41
CA VAL A 436 -20.51 13.83 -6.39
C VAL A 436 -19.24 14.65 -6.48
N LEU A 437 -18.10 14.11 -6.05
CA LEU A 437 -16.85 14.86 -6.22
C LEU A 437 -16.36 14.91 -7.68
N LEU A 438 -17.12 14.31 -8.59
CA LEU A 438 -16.80 14.31 -10.02
C LEU A 438 -17.85 15.00 -10.89
N TYR A 439 -18.97 15.37 -10.30
CA TYR A 439 -19.88 16.32 -10.94
C TYR A 439 -19.75 17.57 -10.11
N ARG A 440 -18.93 17.44 -9.04
CA ARG A 440 -18.32 18.58 -8.39
C ARG A 440 -17.31 19.03 -9.43
N ASP A 441 -16.53 18.08 -9.96
CA ASP A 441 -15.50 18.46 -10.92
C ASP A 441 -15.72 17.78 -12.25
N ARG A 442 -16.48 18.46 -13.10
CA ARG A 442 -16.79 17.99 -14.45
C ARG A 442 -15.61 18.30 -15.38
N ASN A 443 -14.42 17.85 -14.98
CA ASN A 443 -13.15 18.28 -15.59
C ASN A 443 -12.15 17.15 -15.69
N VAL A 444 -12.18 16.22 -14.75
CA VAL A 444 -11.38 14.99 -14.84
C VAL A 444 -11.99 14.20 -15.99
N PHE A 445 -13.23 13.80 -15.76
CA PHE A 445 -14.03 13.14 -16.75
C PHE A 445 -14.90 14.22 -17.38
N PHE A 446 -14.28 15.17 -18.08
CA PHE A 446 -15.04 16.04 -18.96
C PHE A 446 -15.12 15.45 -20.38
N LEU A 447 -15.75 14.27 -20.46
CA LEU A 447 -15.89 13.47 -21.70
C LEU A 447 -17.23 12.69 -21.89
N LYS A 448 -17.89 12.26 -20.80
CA LYS A 448 -19.23 11.65 -20.93
C LYS A 448 -20.29 12.30 -20.02
#